data_5FRB
#
_entry.id   5FRB
#
_cell.length_a   109.857
_cell.length_b   109.857
_cell.length_c   84.838
_cell.angle_alpha   90.00
_cell.angle_beta   90.00
_cell.angle_gamma   120.00
#
_symmetry.space_group_name_H-M   'P 31 2 1'
#
loop_
_entity.id
_entity.type
_entity.pdbx_description
1 polymer 'STEROL 14-ALPHA DEMETHYLASE, CYP51B'
2 non-polymer 'PROTOPORPHYRIN IX CONTAINING FE'
3 non-polymer (R)-4-((4-((6-(2-(2,4-difluorophenyl)-1,1-difluoro-2-hydroxy-3-(1H-tetrazol-1-yl)propyl)pyridin-3-yl)ethynyl)phenoxy)methyl)benzonitrile
#
_entity_poly.entity_id   1
_entity_poly.type   'polypeptide(L)'
_entity_poly.pdbx_seq_one_letter_code
;MAKKTPPVVFHWFPFIGSTISYGIDPYKFFFDCRAKYGDIFTFILLGKKTTVYLGTKGNDFILNGKLRDVCAEEVYSPLT
TPVFGRHVVYDCPNAKLMEQKKFVKYGLTSDALRSYVPLITDEVESFVKNSPAFQGHKGVFDVCKTIAEITIYTASRSLQ
GKEVRSKFDSTFAELYHNLDMGFAPINFMLPWAPLPHNRKRDAAQRKLTETYMEIIKARRQAGSKKDSEDMVWNLMSCVY
KNGTPVPDEEIAHMMIALLMAGQHSSSSTASWIVLRLATRPDIMEELYQEQIRVLGSDLPPLTYDNLQKLDLHAKVIKET
LRLHAPIHSIIRAVKNPMAVDGTSYVIPTSHNVLSSPGVTARSEEHFPNPLEWNPHRWDENIAASAEDDEKVDYGYGLVS
KGTNSPYLPFGAGRHRCIGEQFAYLQLGTITAVLVRLFRFRNLPGVDGIPDTDYSSLFSKPLGRSFVEFEKRH
;
_entity_poly.pdbx_strand_id   A
#
loop_
_chem_comp.id
_chem_comp.type
_chem_comp.name
_chem_comp.formula
HEM non-polymer 'PROTOPORPHYRIN IX CONTAINING FE' 'C34 H32 Fe N4 O4'
VT2 non-polymer (R)-4-((4-((6-(2-(2,4-difluorophenyl)-1,1-difluoro-2-hydroxy-3-(1H-tetrazol-1-yl)propyl)pyridin-3-yl)ethynyl)phenoxy)methyl)benzonitrile 'C31 H22 F4 N6 O2'
#
# COMPACT_ATOMS: atom_id res chain seq x y z
N LYS A 4 -7.88 -33.45 5.41
CA LYS A 4 -7.75 -33.58 6.89
C LYS A 4 -7.66 -32.20 7.55
N THR A 5 -8.01 -32.13 8.83
CA THR A 5 -7.99 -30.86 9.53
C THR A 5 -8.87 -29.87 8.75
N PRO A 6 -8.40 -28.59 8.45
CA PRO A 6 -9.35 -27.76 7.68
C PRO A 6 -9.59 -28.40 6.35
N PRO A 7 -10.77 -28.20 5.80
CA PRO A 7 -11.16 -28.85 4.56
C PRO A 7 -10.19 -28.56 3.42
N VAL A 8 -9.58 -29.62 2.89
CA VAL A 8 -8.67 -29.49 1.77
C VAL A 8 -9.45 -29.31 0.47
N VAL A 9 -9.10 -28.29 -0.30
CA VAL A 9 -9.79 -27.99 -1.54
C VAL A 9 -9.52 -29.09 -2.56
N PHE A 10 -10.54 -29.46 -3.32
CA PHE A 10 -10.42 -30.52 -4.32
C PHE A 10 -9.87 -29.95 -5.63
N HIS A 11 -8.57 -30.14 -5.83
CA HIS A 11 -7.90 -29.64 -7.03
C HIS A 11 -7.56 -30.78 -7.98
N TRP A 12 -6.81 -30.46 -9.03
CA TRP A 12 -6.61 -31.41 -10.12
C TRP A 12 -5.17 -31.93 -10.19
N PHE A 13 -4.23 -31.14 -9.68
CA PHE A 13 -2.83 -31.51 -9.78
C PHE A 13 -2.07 -31.26 -8.49
N PRO A 14 -0.84 -31.79 -8.42
CA PRO A 14 0.05 -31.67 -7.28
C PRO A 14 0.84 -30.37 -7.42
N PHE A 15 1.28 -29.77 -6.33
CA PHE A 15 2.24 -28.69 -6.44
C PHE A 15 1.90 -27.40 -7.16
N ILE A 16 0.78 -27.28 -7.85
CA ILE A 16 0.50 -26.09 -8.65
C ILE A 16 -0.82 -25.81 -7.94
N GLY A 17 -1.54 -26.88 -7.63
CA GLY A 17 -2.81 -26.77 -6.94
C GLY A 17 -3.76 -25.82 -7.65
N SER A 18 -4.31 -24.88 -6.91
CA SER A 18 -5.22 -23.89 -7.47
C SER A 18 -4.52 -22.56 -7.69
N THR A 19 -3.21 -22.52 -7.44
CA THR A 19 -2.46 -21.28 -7.60
C THR A 19 -2.97 -20.54 -8.83
N ILE A 20 -3.20 -21.27 -9.91
CA ILE A 20 -3.69 -20.67 -11.15
C ILE A 20 -5.05 -20.01 -10.92
N SER A 21 -5.93 -20.72 -10.21
CA SER A 21 -7.23 -20.16 -9.87
C SER A 21 -7.07 -19.00 -8.89
N TYR A 22 -6.12 -19.14 -7.96
CA TYR A 22 -5.83 -18.05 -7.04
C TYR A 22 -5.17 -16.87 -7.69
N GLY A 23 -4.19 -17.15 -8.54
CA GLY A 23 -3.43 -16.09 -9.19
C GLY A 23 -4.28 -15.23 -10.10
N ILE A 24 -5.25 -15.85 -10.76
CA ILE A 24 -6.12 -15.13 -11.70
C ILE A 24 -7.02 -14.15 -10.96
N ASP A 25 -7.70 -14.65 -9.94
CA ASP A 25 -8.58 -13.82 -9.12
C ASP A 25 -8.65 -14.50 -7.76
N PRO A 26 -8.07 -13.86 -6.72
CA PRO A 26 -8.08 -14.49 -5.40
C PRO A 26 -9.48 -14.37 -4.81
N TYR A 27 -10.13 -13.24 -5.02
CA TYR A 27 -11.44 -12.98 -4.44
C TYR A 27 -12.51 -13.91 -5.02
N LYS A 28 -12.52 -14.06 -6.33
CA LYS A 28 -13.41 -15.02 -6.97
C LYS A 28 -13.09 -16.43 -6.48
N PHE A 29 -11.79 -16.74 -6.38
CA PHE A 29 -11.35 -18.02 -5.86
C PHE A 29 -11.75 -18.19 -4.40
N PHE A 30 -11.60 -17.12 -3.61
CA PHE A 30 -11.98 -17.16 -2.20
C PHE A 30 -13.49 -17.27 -2.04
N PHE A 31 -14.24 -16.67 -2.96
CA PHE A 31 -15.69 -16.70 -2.89
C PHE A 31 -16.24 -18.07 -3.30
N ASP A 32 -15.64 -18.67 -4.32
CA ASP A 32 -16.05 -19.99 -4.77
C ASP A 32 -15.76 -21.04 -3.72
N CYS A 33 -14.64 -20.89 -3.02
CA CYS A 33 -14.29 -21.80 -1.94
C CYS A 33 -15.22 -21.62 -0.75
N ARG A 34 -15.65 -20.38 -0.51
CA ARG A 34 -16.54 -20.11 0.61
C ARG A 34 -17.92 -20.74 0.39
N ALA A 35 -18.34 -20.81 -0.86
CA ALA A 35 -19.65 -21.37 -1.18
C ALA A 35 -19.69 -22.87 -0.88
N LYS A 36 -18.54 -23.53 -0.97
CA LYS A 36 -18.48 -24.98 -0.83
C LYS A 36 -17.92 -25.42 0.51
N TYR A 37 -17.05 -24.61 1.10
CA TYR A 37 -16.30 -25.05 2.29
C TYR A 37 -16.56 -24.21 3.54
N GLY A 38 -17.14 -23.03 3.38
CA GLY A 38 -17.44 -22.17 4.52
C GLY A 38 -16.37 -21.13 4.76
N ASP A 39 -16.15 -20.78 6.03
CA ASP A 39 -15.19 -19.75 6.40
C ASP A 39 -13.80 -20.30 6.62
N ILE A 40 -13.58 -21.55 6.23
CA ILE A 40 -12.26 -22.17 6.35
C ILE A 40 -11.96 -23.06 5.15
N PHE A 41 -10.90 -22.75 4.42
CA PHE A 41 -10.37 -23.66 3.43
C PHE A 41 -8.90 -23.95 3.72
N THR A 42 -8.32 -24.81 2.89
CA THR A 42 -6.89 -25.00 2.83
C THR A 42 -6.53 -25.38 1.41
N PHE A 43 -5.91 -24.46 0.69
CA PHE A 43 -5.42 -24.74 -0.65
C PHE A 43 -3.90 -24.60 -0.65
N ILE A 44 -3.23 -25.37 -1.50
CA ILE A 44 -1.78 -25.35 -1.58
C ILE A 44 -1.35 -24.56 -2.82
N LEU A 45 -0.83 -23.35 -2.62
CA LEU A 45 -0.19 -22.67 -3.74
C LEU A 45 1.26 -23.08 -3.82
N LEU A 46 1.59 -23.80 -4.90
CA LEU A 46 2.91 -24.40 -5.07
C LEU A 46 3.27 -25.27 -3.86
N GLY A 47 4.39 -24.95 -3.22
CA GLY A 47 4.96 -25.82 -2.19
C GLY A 47 4.20 -25.92 -0.87
N LYS A 48 3.83 -24.77 -0.31
CA LYS A 48 3.27 -24.75 1.04
C LYS A 48 1.76 -24.97 1.09
N LYS A 49 1.30 -25.31 2.29
CA LYS A 49 -0.13 -25.41 2.59
C LYS A 49 -0.60 -24.11 3.22
N THR A 50 -1.52 -23.43 2.56
CA THR A 50 -2.02 -22.15 3.04
C THR A 50 -3.46 -22.28 3.54
N THR A 51 -3.63 -22.13 4.85
CA THR A 51 -4.95 -22.18 5.46
C THR A 51 -5.59 -20.79 5.43
N VAL A 52 -6.85 -20.73 5.00
CA VAL A 52 -7.54 -19.46 4.85
C VAL A 52 -8.73 -19.36 5.80
N TYR A 53 -8.65 -18.41 6.72
CA TYR A 53 -9.75 -18.13 7.64
C TYR A 53 -10.42 -16.81 7.27
N LEU A 54 -11.66 -16.90 6.82
CA LEU A 54 -12.40 -15.72 6.38
C LEU A 54 -13.25 -15.15 7.51
N GLY A 55 -13.99 -14.09 7.22
CA GLY A 55 -14.84 -13.46 8.21
C GLY A 55 -14.03 -12.59 9.16
N THR A 56 -14.73 -11.78 9.95
CA THR A 56 -14.07 -10.87 10.87
C THR A 56 -13.30 -11.62 11.93
N LYS A 57 -13.81 -12.79 12.31
CA LYS A 57 -13.08 -13.67 13.22
C LYS A 57 -11.80 -14.16 12.54
N GLY A 58 -11.93 -14.56 11.28
CA GLY A 58 -10.80 -15.04 10.49
C GLY A 58 -9.70 -14.01 10.40
N ASN A 59 -10.07 -12.77 10.16
CA ASN A 59 -9.12 -11.66 10.15
C ASN A 59 -8.57 -11.42 11.55
N ASP A 60 -9.43 -11.54 12.56
CA ASP A 60 -9.01 -11.36 13.95
C ASP A 60 -8.09 -12.49 14.40
N PHE A 61 -8.39 -13.70 13.92
CA PHE A 61 -7.62 -14.88 14.31
C PHE A 61 -6.17 -14.76 13.85
N ILE A 62 -5.99 -14.23 12.64
CA ILE A 62 -4.67 -14.22 12.00
C ILE A 62 -3.93 -12.91 12.25
N LEU A 63 -4.64 -11.78 12.18
CA LEU A 63 -4.01 -10.49 12.39
C LEU A 63 -3.70 -10.23 13.86
N ASN A 64 -4.52 -10.79 14.75
CA ASN A 64 -4.29 -10.68 16.18
C ASN A 64 -3.76 -11.97 16.77
N GLY A 65 -3.21 -12.82 15.92
CA GLY A 65 -2.59 -14.06 16.36
C GLY A 65 -1.43 -13.81 17.30
N LYS A 66 -1.21 -14.72 18.23
CA LYS A 66 -0.14 -14.57 19.22
C LYS A 66 1.23 -14.60 18.55
N LEU A 67 2.16 -13.82 19.09
CA LEU A 67 3.47 -13.64 18.47
C LEU A 67 4.22 -14.97 18.34
N ARG A 68 4.01 -15.87 19.30
CA ARG A 68 4.69 -17.16 19.28
C ARG A 68 4.04 -18.12 18.29
N ASP A 69 2.81 -17.82 17.90
CA ASP A 69 2.03 -18.74 17.08
C ASP A 69 2.15 -18.47 15.58
N VAL A 70 2.04 -17.20 15.19
CA VAL A 70 2.19 -16.82 13.79
C VAL A 70 3.47 -16.01 13.57
N CYS A 71 4.06 -16.17 12.38
CA CYS A 71 5.30 -15.49 12.05
C CYS A 71 5.20 -14.86 10.66
N ALA A 72 5.39 -13.55 10.59
CA ALA A 72 5.24 -12.82 9.33
C ALA A 72 6.54 -12.82 8.55
N GLU A 73 7.66 -12.65 9.24
CA GLU A 73 8.96 -12.46 8.58
C GLU A 73 9.36 -13.69 7.76
N GLU A 74 9.14 -14.87 8.30
CA GLU A 74 9.56 -16.11 7.64
C GLU A 74 8.85 -16.29 6.30
N VAL A 75 7.63 -15.79 6.23
CA VAL A 75 6.85 -15.87 5.03
C VAL A 75 7.38 -14.98 3.93
N TYR A 76 7.78 -13.78 4.31
CA TYR A 76 8.24 -12.76 3.37
C TYR A 76 9.70 -12.46 3.23
N SER A 77 10.41 -12.61 4.32
CA SER A 77 11.80 -12.18 4.38
C SER A 77 12.59 -12.52 3.11
N PRO A 78 12.52 -13.78 2.64
CA PRO A 78 13.34 -14.15 1.50
C PRO A 78 13.03 -13.34 0.24
N LEU A 79 11.80 -12.84 0.13
CA LEU A 79 11.42 -12.04 -1.03
C LEU A 79 11.76 -10.57 -0.83
N THR A 80 11.59 -10.08 0.40
CA THR A 80 11.70 -8.66 0.67
C THR A 80 13.13 -8.24 0.98
N THR A 81 13.86 -9.09 1.70
CA THR A 81 15.18 -8.73 2.20
C THR A 81 16.16 -8.37 1.10
N PRO A 82 16.14 -9.11 -0.03
CA PRO A 82 17.04 -8.76 -1.11
C PRO A 82 16.69 -7.42 -1.76
N VAL A 83 15.44 -6.99 -1.60
CA VAL A 83 14.97 -5.76 -2.22
C VAL A 83 15.22 -4.55 -1.32
N PHE A 84 14.81 -4.65 -0.06
CA PHE A 84 14.97 -3.54 0.88
C PHE A 84 16.40 -3.45 1.39
N GLY A 85 16.96 -4.60 1.79
CA GLY A 85 18.29 -4.63 2.40
C GLY A 85 18.27 -5.39 3.71
N ARG A 86 19.44 -5.50 4.34
CA ARG A 86 19.56 -6.28 5.57
C ARG A 86 19.19 -5.46 6.82
N HIS A 87 18.88 -6.18 7.89
CA HIS A 87 18.71 -5.59 9.22
C HIS A 87 17.47 -4.71 9.35
N VAL A 88 16.69 -4.61 8.28
CA VAL A 88 15.51 -3.76 8.32
C VAL A 88 14.27 -4.56 7.96
N VAL A 89 13.20 -4.17 8.62
CA VAL A 89 11.95 -4.81 8.45
C VAL A 89 12.13 -6.26 8.85
N TYR A 90 11.75 -7.15 7.97
CA TYR A 90 11.73 -8.57 8.21
C TYR A 90 13.06 -9.32 8.47
N ASP A 91 14.18 -8.72 8.16
CA ASP A 91 15.48 -9.35 8.32
C ASP A 91 15.93 -9.35 9.78
N CYS A 92 14.97 -9.13 10.68
CA CYS A 92 15.26 -9.02 12.11
C CYS A 92 14.08 -9.59 12.90
N PRO A 93 14.29 -9.85 14.21
CA PRO A 93 13.17 -10.30 15.03
C PRO A 93 12.07 -9.24 15.10
N ASN A 94 10.89 -9.65 15.56
CA ASN A 94 9.72 -8.77 15.55
C ASN A 94 9.90 -7.55 16.44
N ALA A 95 10.70 -7.68 17.50
CA ALA A 95 10.92 -6.60 18.44
C ALA A 95 11.64 -5.43 17.76
N LYS A 96 12.64 -5.76 16.94
CA LYS A 96 13.39 -4.74 16.23
C LYS A 96 12.52 -4.04 15.19
N LEU A 97 11.55 -4.77 14.65
CA LEU A 97 10.61 -4.20 13.68
C LEU A 97 9.75 -3.13 14.35
N MET A 98 9.31 -3.41 15.58
CA MET A 98 8.45 -2.49 16.30
C MET A 98 9.18 -1.18 16.60
N GLU A 99 10.46 -1.26 16.93
CA GLU A 99 11.26 -0.06 17.16
C GLU A 99 11.44 0.70 15.85
N GLN A 100 11.66 -0.03 14.77
CA GLN A 100 11.81 0.58 13.46
C GLN A 100 10.51 1.24 13.00
N LYS A 101 9.40 0.59 13.31
CA LYS A 101 8.12 1.16 12.97
C LYS A 101 7.97 2.45 13.79
N LYS A 102 8.42 2.41 15.03
CA LYS A 102 8.30 3.57 15.92
C LYS A 102 9.01 4.79 15.32
N PHE A 103 10.19 4.55 14.75
CA PHE A 103 11.00 5.64 14.20
C PHE A 103 10.30 6.30 13.02
N VAL A 104 9.62 5.50 12.20
CA VAL A 104 8.95 6.02 11.02
C VAL A 104 7.68 6.75 11.41
N LYS A 105 6.88 6.14 12.30
CA LYS A 105 5.69 6.78 12.82
C LYS A 105 6.07 8.02 13.63
N TYR A 106 7.25 7.99 14.25
CA TYR A 106 7.80 9.16 14.92
C TYR A 106 7.96 10.31 13.93
N GLY A 107 8.45 9.99 12.73
CA GLY A 107 8.74 11.00 11.72
C GLY A 107 7.54 11.37 10.86
N LEU A 108 6.39 10.78 11.14
CA LEU A 108 5.17 11.09 10.39
C LEU A 108 4.15 11.81 11.26
N THR A 109 4.63 12.70 12.13
CA THR A 109 3.75 13.50 12.97
C THR A 109 3.00 14.52 12.12
N SER A 110 1.98 15.14 12.71
CA SER A 110 1.12 16.06 11.97
C SER A 110 1.90 17.26 11.44
N ASP A 111 2.86 17.73 12.23
CA ASP A 111 3.69 18.86 11.82
C ASP A 111 4.52 18.53 10.59
N ALA A 112 4.95 17.28 10.48
CA ALA A 112 5.67 16.81 9.30
C ALA A 112 4.70 16.64 8.13
N LEU A 113 3.49 16.17 8.44
CA LEU A 113 2.45 16.03 7.43
C LEU A 113 2.00 17.40 6.92
N ARG A 114 2.03 18.40 7.80
CA ARG A 114 1.68 19.76 7.40
C ARG A 114 2.67 20.28 6.36
N SER A 115 3.94 19.94 6.54
CA SER A 115 5.00 20.43 5.66
C SER A 115 4.94 19.75 4.29
N TYR A 116 4.29 18.59 4.24
CA TYR A 116 4.27 17.80 3.01
C TYR A 116 3.24 18.30 2.01
N VAL A 117 2.16 18.89 2.50
CA VAL A 117 1.03 19.25 1.64
C VAL A 117 1.41 20.26 0.55
N PRO A 118 2.11 21.35 0.92
CA PRO A 118 2.50 22.29 -0.13
C PRO A 118 3.54 21.71 -1.09
N LEU A 119 4.37 20.80 -0.59
CA LEU A 119 5.35 20.13 -1.44
C LEU A 119 4.65 19.24 -2.46
N ILE A 120 3.64 18.50 -2.01
CA ILE A 120 2.92 17.59 -2.87
C ILE A 120 2.14 18.34 -3.95
N THR A 121 1.47 19.42 -3.54
CA THR A 121 0.75 20.26 -4.49
C THR A 121 1.70 20.86 -5.53
N ASP A 122 2.90 21.22 -5.09
CA ASP A 122 3.89 21.82 -5.98
C ASP A 122 4.34 20.84 -7.05
N GLU A 123 4.57 19.60 -6.65
CA GLU A 123 5.07 18.58 -7.57
C GLU A 123 4.01 18.21 -8.61
N VAL A 124 2.77 18.09 -8.17
CA VAL A 124 1.68 17.72 -9.06
C VAL A 124 1.39 18.84 -10.06
N GLU A 125 1.43 20.08 -9.59
CA GLU A 125 1.23 21.22 -10.47
C GLU A 125 2.41 21.39 -11.42
N SER A 126 3.62 21.11 -10.94
CA SER A 126 4.81 21.17 -11.76
C SER A 126 4.80 20.08 -12.82
N PHE A 127 4.28 18.91 -12.46
CA PHE A 127 4.19 17.79 -13.38
C PHE A 127 3.23 18.12 -14.53
N VAL A 128 2.02 18.54 -14.17
CA VAL A 128 0.99 18.83 -15.16
C VAL A 128 1.46 19.88 -16.16
N LYS A 129 2.26 20.83 -15.70
CA LYS A 129 2.73 21.92 -16.55
C LYS A 129 3.89 21.50 -17.44
N ASN A 130 4.75 20.61 -16.93
CA ASN A 130 5.98 20.26 -17.63
C ASN A 130 5.94 18.90 -18.31
N SER A 131 5.16 17.97 -17.76
CA SER A 131 5.06 16.64 -18.34
C SER A 131 4.30 16.66 -19.66
N PRO A 132 4.71 15.82 -20.61
CA PRO A 132 4.02 15.75 -21.90
C PRO A 132 2.68 15.02 -21.83
N ALA A 133 2.33 14.55 -20.64
CA ALA A 133 1.12 13.73 -20.48
C ALA A 133 -0.15 14.54 -20.64
N PHE A 134 -0.10 15.81 -20.24
CA PHE A 134 -1.30 16.65 -20.20
C PHE A 134 -1.14 17.93 -21.00
N GLN A 135 -0.33 17.89 -22.04
CA GLN A 135 -0.14 19.06 -22.90
C GLN A 135 -1.32 19.23 -23.84
N GLY A 136 -1.88 20.43 -23.84
CA GLY A 136 -3.09 20.72 -24.61
C GLY A 136 -4.32 20.82 -23.72
N HIS A 137 -5.43 21.27 -24.29
CA HIS A 137 -6.66 21.42 -23.54
C HIS A 137 -7.41 20.09 -23.42
N LYS A 138 -7.29 19.26 -24.44
CA LYS A 138 -7.99 17.98 -24.47
C LYS A 138 -7.07 16.89 -25.00
N GLY A 139 -7.25 15.67 -24.50
CA GLY A 139 -6.45 14.55 -24.95
C GLY A 139 -6.62 13.31 -24.09
N VAL A 140 -5.84 12.28 -24.38
CA VAL A 140 -5.85 11.06 -23.58
C VAL A 140 -4.48 10.86 -22.94
N PHE A 141 -4.42 10.06 -21.89
CA PHE A 141 -3.17 9.81 -21.19
C PHE A 141 -3.16 8.43 -20.53
N ASP A 142 -2.01 7.76 -20.61
CA ASP A 142 -1.81 6.49 -19.92
C ASP A 142 -1.93 6.69 -18.42
N VAL A 143 -3.00 6.16 -17.84
CA VAL A 143 -3.33 6.42 -16.44
C VAL A 143 -2.25 5.88 -15.49
N CYS A 144 -1.97 4.58 -15.61
CA CYS A 144 -1.06 3.92 -14.68
C CYS A 144 0.37 4.46 -14.81
N LYS A 145 0.82 4.68 -16.05
CA LYS A 145 2.15 5.22 -16.28
C LYS A 145 2.27 6.63 -15.72
N THR A 146 1.32 7.49 -16.06
CA THR A 146 1.32 8.87 -15.61
C THR A 146 1.21 8.96 -14.09
N ILE A 147 0.30 8.17 -13.52
CA ILE A 147 0.03 8.23 -12.09
C ILE A 147 1.23 7.74 -11.28
N ALA A 148 1.91 6.71 -11.78
CA ALA A 148 3.08 6.18 -11.09
C ALA A 148 4.20 7.22 -11.04
N GLU A 149 4.31 8.04 -12.09
CA GLU A 149 5.29 9.11 -12.11
C GLU A 149 4.96 10.18 -11.06
N ILE A 150 3.67 10.41 -10.86
CA ILE A 150 3.23 11.47 -9.94
C ILE A 150 3.42 11.06 -8.49
N THR A 151 3.17 9.79 -8.19
CA THR A 151 3.29 9.29 -6.83
C THR A 151 4.76 9.16 -6.44
N ILE A 152 5.63 8.90 -7.41
CA ILE A 152 7.05 8.75 -7.13
C ILE A 152 7.72 10.13 -6.98
N TYR A 153 7.13 11.14 -7.60
CA TYR A 153 7.64 12.51 -7.45
C TYR A 153 7.18 13.12 -6.13
N THR A 154 5.94 12.84 -5.73
CA THR A 154 5.38 13.42 -4.53
C THR A 154 5.95 12.77 -3.27
N ALA A 155 6.23 11.48 -3.35
CA ALA A 155 6.74 10.74 -2.20
C ALA A 155 8.21 11.05 -1.96
N SER A 156 8.97 11.20 -3.05
CA SER A 156 10.40 11.45 -2.94
C SER A 156 10.69 12.87 -2.47
N ARG A 157 9.91 13.83 -2.96
CA ARG A 157 10.10 15.23 -2.58
C ARG A 157 9.77 15.45 -1.11
N SER A 158 8.66 14.88 -0.65
CA SER A 158 8.20 15.10 0.72
C SER A 158 8.91 14.17 1.70
N LEU A 159 8.77 12.86 1.48
CA LEU A 159 9.23 11.87 2.45
C LEU A 159 10.72 11.58 2.31
N GLN A 160 11.18 11.39 1.08
CA GLN A 160 12.56 11.01 0.84
C GLN A 160 13.50 12.22 0.91
N GLY A 161 13.02 13.38 0.47
CA GLY A 161 13.78 14.62 0.60
C GLY A 161 14.20 15.21 -0.74
N LYS A 162 15.02 16.25 -0.67
CA LYS A 162 15.42 16.99 -1.86
C LYS A 162 16.40 16.19 -2.72
N GLU A 163 17.39 15.58 -2.09
CA GLU A 163 18.42 14.86 -2.82
C GLU A 163 17.83 13.69 -3.58
N VAL A 164 17.01 12.89 -2.91
CA VAL A 164 16.39 11.73 -3.53
C VAL A 164 15.43 12.16 -4.63
N ARG A 165 14.74 13.27 -4.41
CA ARG A 165 13.87 13.84 -5.43
C ARG A 165 14.67 14.29 -6.64
N SER A 166 15.83 14.88 -6.38
CA SER A 166 16.73 15.30 -7.46
C SER A 166 17.35 14.10 -8.15
N LYS A 167 17.51 13.00 -7.42
CA LYS A 167 18.12 11.80 -7.98
C LYS A 167 17.19 11.07 -8.94
N PHE A 168 15.88 11.29 -8.81
CA PHE A 168 14.92 10.64 -9.68
C PHE A 168 14.89 11.30 -11.06
N ASP A 169 15.64 12.39 -11.21
CA ASP A 169 15.81 13.03 -12.50
C ASP A 169 16.96 12.36 -13.26
N SER A 170 17.83 11.71 -12.49
CA SER A 170 18.97 11.01 -13.06
C SER A 170 19.37 9.78 -12.23
N THR A 171 19.32 8.62 -12.87
CA THR A 171 19.77 7.39 -12.24
C THR A 171 19.10 6.92 -10.94
N PHE A 172 17.84 7.20 -10.77
CA PHE A 172 17.17 6.70 -9.61
C PHE A 172 16.01 6.02 -10.25
N ALA A 173 15.66 6.54 -11.41
CA ALA A 173 14.58 5.95 -12.20
C ALA A 173 14.94 4.54 -12.64
N GLU A 174 16.15 4.38 -13.17
CA GLU A 174 16.62 3.07 -13.62
C GLU A 174 16.95 2.18 -12.43
N LEU A 175 17.38 2.79 -11.32
CA LEU A 175 17.75 2.03 -10.13
C LEU A 175 16.53 1.37 -9.51
N TYR A 176 15.43 2.12 -9.39
CA TYR A 176 14.23 1.54 -8.79
C TYR A 176 13.47 0.61 -9.74
N HIS A 177 13.58 0.85 -11.04
CA HIS A 177 13.06 -0.09 -12.02
C HIS A 177 13.81 -1.41 -11.93
N ASN A 178 15.13 -1.34 -11.79
CA ASN A 178 15.94 -2.54 -11.64
C ASN A 178 15.68 -3.22 -10.31
N LEU A 179 15.57 -2.44 -9.25
CA LEU A 179 15.31 -2.98 -7.92
C LEU A 179 13.91 -3.58 -7.86
N ASP A 180 12.97 -2.97 -8.58
CA ASP A 180 11.58 -3.40 -8.56
C ASP A 180 11.41 -4.77 -9.20
N MET A 181 12.42 -5.22 -9.93
CA MET A 181 12.36 -6.53 -10.58
C MET A 181 12.54 -7.64 -9.56
N GLY A 182 12.82 -7.27 -8.31
CA GLY A 182 12.98 -8.23 -7.24
C GLY A 182 11.66 -8.78 -6.75
N PHE A 183 10.63 -7.95 -6.82
CA PHE A 183 9.31 -8.31 -6.31
C PHE A 183 8.48 -9.44 -6.90
N ALA A 184 8.47 -9.58 -8.20
CA ALA A 184 7.61 -10.59 -8.79
C ALA A 184 7.70 -11.89 -8.00
N PRO A 185 6.52 -12.45 -7.72
CA PRO A 185 6.32 -13.61 -6.87
C PRO A 185 7.10 -14.78 -7.37
N ILE A 186 7.54 -14.75 -8.62
CA ILE A 186 8.38 -15.83 -9.11
C ILE A 186 9.56 -15.87 -8.14
N ASN A 187 9.95 -14.69 -7.70
CA ASN A 187 10.99 -14.51 -6.72
C ASN A 187 10.48 -14.99 -5.40
N PHE A 188 9.19 -15.21 -5.29
CA PHE A 188 8.71 -15.61 -4.00
C PHE A 188 9.36 -16.89 -3.61
N MET A 189 9.52 -17.78 -4.58
CA MET A 189 10.15 -19.06 -4.34
C MET A 189 11.61 -19.11 -4.73
N LEU A 190 11.99 -18.38 -5.75
CA LEU A 190 13.37 -18.48 -6.22
C LEU A 190 14.12 -17.16 -6.05
N PRO A 191 13.79 -16.43 -4.97
CA PRO A 191 14.43 -15.14 -4.73
C PRO A 191 15.95 -15.27 -4.65
N TRP A 192 16.44 -16.49 -4.55
CA TRP A 192 17.88 -16.74 -4.38
C TRP A 192 18.58 -17.13 -5.67
N ALA A 193 17.81 -17.58 -6.66
CA ALA A 193 18.38 -18.02 -7.93
C ALA A 193 19.09 -16.87 -8.64
N PRO A 194 20.27 -17.14 -9.20
CA PRO A 194 21.04 -16.10 -9.88
C PRO A 194 20.56 -15.83 -11.31
N LEU A 195 19.25 -15.70 -11.47
CA LEU A 195 18.68 -15.28 -12.75
C LEU A 195 19.06 -13.83 -13.01
N PRO A 196 19.10 -13.42 -14.28
CA PRO A 196 19.55 -12.08 -14.64
C PRO A 196 18.76 -10.98 -13.93
N HIS A 197 17.46 -11.20 -13.72
CA HIS A 197 16.64 -10.19 -13.06
C HIS A 197 16.99 -10.05 -11.58
N ASN A 198 17.46 -11.14 -10.98
CA ASN A 198 17.92 -11.10 -9.59
C ASN A 198 19.28 -10.43 -9.46
N ARG A 199 20.14 -10.63 -10.46
CA ARG A 199 21.46 -10.01 -10.46
C ARG A 199 21.35 -8.49 -10.63
N LYS A 200 20.36 -8.05 -11.41
CA LYS A 200 20.08 -6.62 -11.53
C LYS A 200 19.51 -6.08 -10.23
N ARG A 201 18.64 -6.85 -9.59
CA ARG A 201 18.06 -6.47 -8.32
C ARG A 201 19.15 -6.23 -7.27
N ASP A 202 20.07 -7.19 -7.15
CA ASP A 202 21.15 -7.09 -6.19
C ASP A 202 22.06 -5.90 -6.51
N ALA A 203 22.36 -5.71 -7.79
CA ALA A 203 23.21 -4.60 -8.20
C ALA A 203 22.54 -3.25 -7.90
N ALA A 204 21.24 -3.17 -8.15
CA ALA A 204 20.50 -1.94 -7.89
C ALA A 204 20.40 -1.67 -6.39
N GLN A 205 20.18 -2.73 -5.61
CA GLN A 205 20.03 -2.58 -4.16
C GLN A 205 21.31 -2.04 -3.54
N ARG A 206 22.46 -2.54 -4.01
CA ARG A 206 23.74 -2.10 -3.49
C ARG A 206 24.00 -0.64 -3.88
N LYS A 207 23.67 -0.27 -5.11
CA LYS A 207 23.93 1.07 -5.59
C LYS A 207 23.05 2.09 -4.86
N LEU A 208 21.79 1.75 -4.65
CA LEU A 208 20.88 2.62 -3.94
C LEU A 208 21.37 2.85 -2.50
N THR A 209 21.88 1.80 -1.88
CA THR A 209 22.38 1.89 -0.51
C THR A 209 23.57 2.83 -0.43
N GLU A 210 24.47 2.74 -1.41
CA GLU A 210 25.65 3.60 -1.43
C GLU A 210 25.27 5.06 -1.64
N THR A 211 24.21 5.29 -2.41
CA THR A 211 23.77 6.65 -2.70
C THR A 211 23.09 7.27 -1.48
N TYR A 212 22.21 6.52 -0.83
CA TYR A 212 21.52 7.01 0.35
C TYR A 212 22.52 7.37 1.45
N MET A 213 23.50 6.51 1.67
CA MET A 213 24.48 6.73 2.74
C MET A 213 25.36 7.94 2.45
N GLU A 214 25.64 8.19 1.17
CA GLU A 214 26.43 9.36 0.80
C GLU A 214 25.64 10.63 1.07
N ILE A 215 24.33 10.59 0.83
CA ILE A 215 23.46 11.71 1.15
C ILE A 215 23.45 11.95 2.66
N ILE A 216 23.49 10.87 3.42
CA ILE A 216 23.55 10.96 4.88
C ILE A 216 24.89 11.55 5.32
N LYS A 217 25.97 11.02 4.76
CA LYS A 217 27.32 11.47 5.11
C LYS A 217 27.51 12.94 4.74
N ALA A 218 26.90 13.37 3.64
CA ALA A 218 26.99 14.76 3.20
C ALA A 218 26.30 15.69 4.19
N ARG A 219 25.23 15.21 4.81
CA ARG A 219 24.49 16.01 5.77
C ARG A 219 25.26 16.15 7.09
N ARG A 220 26.00 15.11 7.44
CA ARG A 220 26.77 15.14 8.69
C ARG A 220 28.04 15.97 8.52
N GLN A 221 28.56 16.03 7.31
CA GLN A 221 29.71 16.88 7.01
C GLN A 221 29.32 18.35 7.19
N ALA A 222 28.05 18.66 7.00
CA ALA A 222 27.54 20.00 7.25
C ALA A 222 26.93 20.10 8.64
N GLY A 223 26.42 19.00 9.16
CA GLY A 223 25.88 18.96 10.51
C GLY A 223 24.72 19.92 10.71
N SER A 224 23.88 20.04 9.69
CA SER A 224 22.75 20.96 9.73
C SER A 224 21.44 20.20 9.65
N LYS A 225 20.35 20.93 9.38
CA LYS A 225 19.05 20.31 9.19
C LYS A 225 18.08 21.28 8.52
N LYS A 226 17.34 20.79 7.52
CA LYS A 226 16.14 21.47 7.06
C LYS A 226 14.89 20.64 7.31
N ASP A 227 13.86 20.88 6.50
CA ASP A 227 12.49 20.61 6.93
C ASP A 227 11.99 19.18 6.79
N SER A 228 11.89 18.50 7.92
CA SER A 228 10.86 17.48 8.14
C SER A 228 10.74 16.45 7.03
N GLU A 229 11.85 15.77 6.73
CA GLU A 229 11.80 14.55 5.92
C GLU A 229 12.35 13.39 6.74
N ASP A 230 11.86 12.18 6.48
CA ASP A 230 12.20 11.03 7.30
C ASP A 230 13.68 10.68 7.21
N MET A 231 14.42 11.42 6.39
CA MET A 231 15.87 11.24 6.31
C MET A 231 16.56 11.98 7.44
N VAL A 232 16.32 13.29 7.55
CA VAL A 232 16.86 14.07 8.65
C VAL A 232 16.25 13.62 9.97
N TRP A 233 15.18 12.83 9.90
CA TRP A 233 14.56 12.30 11.11
C TRP A 233 15.32 11.07 11.62
N ASN A 234 15.61 10.14 10.72
CA ASN A 234 16.29 8.90 11.11
C ASN A 234 17.72 9.15 11.54
N LEU A 235 18.28 10.29 11.16
CA LEU A 235 19.61 10.67 11.61
C LEU A 235 19.59 10.96 13.10
N MET A 236 18.55 11.66 13.55
CA MET A 236 18.41 12.01 14.96
C MET A 236 17.64 10.92 15.71
N SER A 237 16.61 10.40 15.07
CA SER A 237 15.87 9.26 15.62
C SER A 237 16.67 7.99 15.38
N CYS A 238 17.82 7.89 16.02
CA CYS A 238 18.74 6.79 15.78
C CYS A 238 18.84 5.84 16.96
N VAL A 239 18.58 6.35 18.16
CA VAL A 239 18.82 5.58 19.37
C VAL A 239 17.74 4.53 19.62
N TYR A 240 18.18 3.27 19.72
CA TYR A 240 17.30 2.18 20.13
C TYR A 240 17.21 2.15 21.64
N LYS A 241 16.36 1.26 22.17
CA LYS A 241 16.19 1.16 23.62
C LYS A 241 17.50 0.75 24.28
N ASN A 242 18.34 0.03 23.55
CA ASN A 242 19.63 -0.41 24.08
C ASN A 242 20.61 0.76 24.17
N GLY A 243 20.38 1.79 23.36
CA GLY A 243 21.21 2.98 23.39
C GLY A 243 22.11 3.14 22.17
N THR A 244 21.94 2.29 21.16
CA THR A 244 22.75 2.39 19.96
C THR A 244 22.03 3.17 18.86
N PRO A 245 22.75 4.09 18.20
CA PRO A 245 22.17 4.83 17.09
C PRO A 245 21.96 3.94 15.86
N VAL A 246 20.88 4.20 15.14
CA VAL A 246 20.62 3.50 13.88
C VAL A 246 21.72 3.83 12.88
N PRO A 247 22.46 2.79 12.44
CA PRO A 247 23.51 3.05 11.45
C PRO A 247 22.94 3.55 10.14
N ASP A 248 23.76 4.24 9.37
CA ASP A 248 23.32 4.83 8.10
C ASP A 248 22.88 3.76 7.11
N GLU A 249 23.49 2.58 7.19
CA GLU A 249 23.13 1.48 6.32
C GLU A 249 21.68 1.06 6.55
N GLU A 250 21.27 0.99 7.82
CA GLU A 250 19.90 0.66 8.16
C GLU A 250 18.96 1.78 7.73
N ILE A 251 19.39 3.03 7.94
CA ILE A 251 18.62 4.19 7.49
C ILE A 251 18.40 4.11 5.98
N ALA A 252 19.46 3.78 5.26
CA ALA A 252 19.38 3.66 3.80
C ALA A 252 18.37 2.59 3.40
N HIS A 253 18.42 1.45 4.08
CA HIS A 253 17.56 0.33 3.74
C HIS A 253 16.11 0.58 4.13
N MET A 254 15.91 1.39 5.18
CA MET A 254 14.56 1.76 5.60
C MET A 254 13.92 2.69 4.58
N MET A 255 14.70 3.65 4.09
CA MET A 255 14.23 4.57 3.07
C MET A 255 13.85 3.82 1.80
N ILE A 256 14.67 2.82 1.45
CA ILE A 256 14.39 1.98 0.30
C ILE A 256 13.07 1.21 0.50
N ALA A 257 12.88 0.69 1.70
CA ALA A 257 11.65 -0.03 2.03
C ALA A 257 10.45 0.91 1.96
N LEU A 258 10.59 2.10 2.52
CA LEU A 258 9.52 3.10 2.48
C LEU A 258 9.27 3.53 1.04
N LEU A 259 10.35 3.60 0.25
CA LEU A 259 10.30 3.98 -1.15
C LEU A 259 9.52 2.98 -2.01
N MET A 260 9.73 1.70 -1.74
CA MET A 260 9.06 0.62 -2.47
C MET A 260 7.61 0.47 -2.01
N ALA A 261 7.40 0.45 -0.70
CA ALA A 261 6.08 0.19 -0.14
C ALA A 261 5.11 1.33 -0.47
N GLY A 262 5.59 2.55 -0.39
CA GLY A 262 4.75 3.72 -0.65
C GLY A 262 4.35 3.85 -2.10
N GLN A 263 5.29 3.59 -3.01
CA GLN A 263 5.06 3.79 -4.43
C GLN A 263 4.08 2.76 -4.99
N HIS A 264 4.33 1.49 -4.69
CA HIS A 264 3.51 0.41 -5.23
C HIS A 264 2.06 0.53 -4.76
N SER A 265 1.88 0.96 -3.51
CA SER A 265 0.54 1.08 -2.94
C SER A 265 -0.16 2.35 -3.44
N SER A 266 0.59 3.45 -3.52
CA SER A 266 0.00 4.73 -3.91
C SER A 266 -0.31 4.78 -5.40
N SER A 267 0.61 4.28 -6.22
CA SER A 267 0.43 4.34 -7.67
C SER A 267 -0.78 3.51 -8.11
N SER A 268 -0.97 2.36 -7.46
CA SER A 268 -2.06 1.46 -7.82
C SER A 268 -3.40 2.07 -7.44
N THR A 269 -3.50 2.54 -6.19
CA THR A 269 -4.75 3.09 -5.69
C THR A 269 -5.12 4.36 -6.45
N ALA A 270 -4.16 5.27 -6.62
CA ALA A 270 -4.40 6.51 -7.32
C ALA A 270 -4.84 6.27 -8.76
N SER A 271 -4.32 5.20 -9.36
CA SER A 271 -4.71 4.83 -10.71
C SER A 271 -6.17 4.41 -10.74
N TRP A 272 -6.56 3.60 -9.76
CA TRP A 272 -7.96 3.17 -9.64
C TRP A 272 -8.87 4.36 -9.38
N ILE A 273 -8.35 5.35 -8.65
CA ILE A 273 -9.14 6.54 -8.35
C ILE A 273 -9.46 7.31 -9.62
N VAL A 274 -8.45 7.48 -10.47
CA VAL A 274 -8.63 8.20 -11.73
C VAL A 274 -9.56 7.42 -12.65
N LEU A 275 -9.41 6.09 -12.65
CA LEU A 275 -10.23 5.24 -13.52
C LEU A 275 -11.69 5.29 -13.13
N ARG A 276 -11.98 5.26 -11.84
CA ARG A 276 -13.35 5.31 -11.36
C ARG A 276 -13.99 6.66 -11.68
N LEU A 277 -13.23 7.73 -11.50
CA LEU A 277 -13.73 9.07 -11.76
C LEU A 277 -14.05 9.27 -13.23
N ALA A 278 -13.37 8.54 -14.10
CA ALA A 278 -13.64 8.60 -15.53
C ALA A 278 -14.99 7.95 -15.84
N THR A 279 -15.31 6.89 -15.10
CA THR A 279 -16.58 6.20 -15.29
C THR A 279 -17.73 6.99 -14.67
N ARG A 280 -17.40 7.83 -13.69
CA ARG A 280 -18.40 8.57 -12.95
C ARG A 280 -18.15 10.08 -13.05
N PRO A 281 -18.57 10.70 -14.16
CA PRO A 281 -18.36 12.13 -14.31
C PRO A 281 -19.17 12.94 -13.31
N ASP A 282 -20.29 12.38 -12.84
CA ASP A 282 -21.11 13.06 -11.85
C ASP A 282 -20.37 13.18 -10.53
N ILE A 283 -19.59 12.16 -10.18
CA ILE A 283 -18.85 12.16 -8.93
C ILE A 283 -17.70 13.17 -8.97
N MET A 284 -17.05 13.29 -10.12
CA MET A 284 -15.95 14.24 -10.26
C MET A 284 -16.46 15.67 -10.17
N GLU A 285 -17.61 15.94 -10.78
CA GLU A 285 -18.19 17.27 -10.73
C GLU A 285 -18.68 17.59 -9.31
N GLU A 286 -19.08 16.55 -8.58
CA GLU A 286 -19.49 16.73 -7.19
C GLU A 286 -18.28 16.98 -6.29
N LEU A 287 -17.17 16.34 -6.60
CA LEU A 287 -15.92 16.62 -5.91
C LEU A 287 -15.50 18.06 -6.14
N TYR A 288 -15.63 18.52 -7.39
CA TYR A 288 -15.24 19.87 -7.75
C TYR A 288 -16.14 20.89 -7.07
N GLN A 289 -17.43 20.58 -6.95
CA GLN A 289 -18.37 21.48 -6.31
C GLN A 289 -18.15 21.54 -4.80
N GLU A 290 -17.63 20.45 -4.24
CA GLU A 290 -17.34 20.43 -2.81
C GLU A 290 -16.21 21.40 -2.48
N GLN A 291 -15.21 21.47 -3.36
CA GLN A 291 -14.09 22.39 -3.15
C GLN A 291 -14.56 23.84 -3.30
N ILE A 292 -15.54 24.05 -4.17
CA ILE A 292 -16.11 25.38 -4.35
C ILE A 292 -16.96 25.77 -3.14
N ARG A 293 -17.71 24.81 -2.61
CA ARG A 293 -18.58 25.06 -1.48
C ARG A 293 -17.81 25.14 -0.17
N VAL A 294 -16.83 24.25 0.01
CA VAL A 294 -16.11 24.16 1.27
C VAL A 294 -14.93 25.13 1.34
N LEU A 295 -14.18 25.24 0.25
CA LEU A 295 -12.99 26.09 0.24
C LEU A 295 -13.28 27.50 -0.26
N GLY A 296 -14.32 27.64 -1.09
CA GLY A 296 -14.70 28.95 -1.60
C GLY A 296 -14.59 29.04 -3.11
N SER A 297 -15.20 30.07 -3.68
CA SER A 297 -15.17 30.29 -5.12
C SER A 297 -13.75 30.62 -5.59
N ASP A 298 -12.94 31.16 -4.70
CA ASP A 298 -11.58 31.56 -5.04
C ASP A 298 -10.65 30.35 -5.14
N LEU A 299 -11.04 29.25 -4.48
CA LEU A 299 -10.21 28.06 -4.42
C LEU A 299 -8.79 28.21 -3.87
N PRO A 300 -8.67 28.77 -2.67
CA PRO A 300 -7.35 28.92 -2.05
C PRO A 300 -6.46 27.68 -2.07
N PRO A 301 -5.14 27.88 -1.89
CA PRO A 301 -4.22 26.75 -1.95
C PRO A 301 -4.54 25.68 -0.90
N LEU A 302 -4.33 24.41 -1.27
CA LEU A 302 -4.61 23.31 -0.37
C LEU A 302 -3.59 23.28 0.77
N THR A 303 -4.10 23.07 1.98
CA THR A 303 -3.25 22.97 3.16
C THR A 303 -3.60 21.70 3.93
N TYR A 304 -2.85 21.42 4.99
CA TYR A 304 -3.10 20.27 5.84
C TYR A 304 -4.45 20.41 6.55
N ASP A 305 -4.89 21.65 6.73
CA ASP A 305 -6.13 21.91 7.46
C ASP A 305 -7.35 21.79 6.57
N ASN A 306 -7.34 22.49 5.44
CA ASN A 306 -8.50 22.52 4.56
C ASN A 306 -8.73 21.20 3.82
N LEU A 307 -7.74 20.32 3.86
CA LEU A 307 -7.88 19.01 3.21
C LEU A 307 -8.86 18.12 3.97
N GLN A 308 -8.88 18.24 5.29
CA GLN A 308 -9.71 17.39 6.13
C GLN A 308 -11.19 17.77 6.05
N LYS A 309 -11.47 18.96 5.54
CA LYS A 309 -12.86 19.36 5.31
C LYS A 309 -13.43 18.60 4.12
N LEU A 310 -12.60 18.31 3.14
CA LEU A 310 -13.03 17.50 2.00
C LEU A 310 -13.55 16.24 2.69
N ASP A 311 -14.84 16.00 2.53
CA ASP A 311 -15.48 14.84 3.15
C ASP A 311 -15.62 13.82 2.02
N LEU A 312 -16.08 14.28 0.86
CA LEU A 312 -16.32 13.39 -0.27
C LEU A 312 -15.01 12.90 -0.86
N HIS A 313 -13.99 13.74 -0.85
CA HIS A 313 -12.67 13.34 -1.32
C HIS A 313 -12.14 12.16 -0.51
N ALA A 314 -12.38 12.20 0.80
CA ALA A 314 -12.00 11.09 1.67
C ALA A 314 -12.83 9.86 1.35
N LYS A 315 -14.10 10.06 1.06
CA LYS A 315 -15.01 8.96 0.73
C LYS A 315 -14.57 8.26 -0.55
N VAL A 316 -14.10 9.03 -1.53
CA VAL A 316 -13.66 8.47 -2.80
C VAL A 316 -12.46 7.55 -2.57
N ILE A 317 -11.56 7.96 -1.68
CA ILE A 317 -10.40 7.15 -1.34
C ILE A 317 -10.82 5.91 -0.56
N LYS A 318 -11.75 6.09 0.38
CA LYS A 318 -12.23 4.97 1.18
C LYS A 318 -12.94 3.93 0.32
N GLU A 319 -13.84 4.40 -0.54
CA GLU A 319 -14.58 3.50 -1.42
C GLU A 319 -13.67 2.83 -2.43
N THR A 320 -12.61 3.53 -2.84
CA THR A 320 -11.63 2.97 -3.76
C THR A 320 -10.80 1.89 -3.07
N LEU A 321 -10.39 2.16 -1.83
CA LEU A 321 -9.63 1.20 -1.05
C LEU A 321 -10.44 -0.07 -0.80
N ARG A 322 -11.75 0.08 -0.68
CA ARG A 322 -12.62 -1.04 -0.34
C ARG A 322 -12.61 -2.11 -1.44
N LEU A 323 -12.52 -1.67 -2.68
CA LEU A 323 -12.65 -2.58 -3.83
C LEU A 323 -11.34 -2.82 -4.55
N HIS A 324 -10.31 -2.02 -4.27
CA HIS A 324 -9.07 -2.09 -5.05
C HIS A 324 -7.80 -2.04 -4.21
N ALA A 325 -7.89 -2.33 -2.92
CA ALA A 325 -6.71 -2.35 -2.07
C ALA A 325 -5.65 -3.26 -2.68
N PRO A 326 -4.41 -2.77 -2.81
CA PRO A 326 -3.40 -3.52 -3.56
C PRO A 326 -3.02 -4.87 -2.96
N ILE A 327 -3.09 -4.98 -1.63
CA ILE A 327 -2.83 -6.27 -0.99
C ILE A 327 -4.15 -7.04 -0.85
N HIS A 328 -4.15 -8.30 -1.26
CA HIS A 328 -5.35 -9.11 -1.18
C HIS A 328 -5.21 -10.29 -0.25
N SER A 329 -3.98 -10.73 -0.03
CA SER A 329 -3.73 -11.86 0.86
C SER A 329 -2.68 -11.48 1.88
N ILE A 330 -3.04 -11.49 3.16
CA ILE A 330 -2.02 -11.45 4.20
C ILE A 330 -1.68 -12.89 4.56
N ILE A 331 -0.40 -13.14 4.79
CA ILE A 331 0.05 -14.50 5.00
C ILE A 331 1.07 -14.57 6.13
N ARG A 332 0.87 -15.53 7.04
CA ARG A 332 1.79 -15.74 8.14
C ARG A 332 2.25 -17.19 8.15
N ALA A 333 3.36 -17.44 8.84
CA ALA A 333 3.87 -18.79 9.01
C ALA A 333 3.47 -19.32 10.38
N VAL A 334 2.83 -20.49 10.39
CA VAL A 334 2.38 -21.10 11.64
C VAL A 334 3.54 -21.75 12.37
N LYS A 335 3.80 -21.28 13.60
CA LYS A 335 4.91 -21.79 14.40
C LYS A 335 4.44 -22.92 15.32
N ASN A 336 3.45 -22.63 16.15
CA ASN A 336 2.87 -23.64 17.04
C ASN A 336 1.45 -24.00 16.60
N PRO A 337 1.05 -25.27 16.81
CA PRO A 337 -0.31 -25.64 16.46
C PRO A 337 -1.34 -24.83 17.23
N MET A 338 -2.33 -24.31 16.52
CA MET A 338 -3.31 -23.41 17.11
C MET A 338 -4.72 -24.00 16.99
N ALA A 339 -5.43 -24.02 18.10
CA ALA A 339 -6.82 -24.50 18.11
C ALA A 339 -7.76 -23.36 17.77
N VAL A 340 -8.68 -23.60 16.84
CA VAL A 340 -9.72 -22.63 16.55
C VAL A 340 -10.68 -22.56 17.74
N ASP A 341 -11.25 -21.38 17.96
CA ASP A 341 -12.02 -21.12 19.18
C ASP A 341 -13.36 -21.83 19.19
N GLY A 342 -13.79 -22.34 18.05
CA GLY A 342 -15.17 -22.81 17.90
C GLY A 342 -15.35 -24.22 17.39
N THR A 343 -14.47 -24.65 16.49
CA THR A 343 -14.66 -25.90 15.78
C THR A 343 -13.57 -26.93 16.12
N SER A 344 -13.69 -28.11 15.52
CA SER A 344 -12.74 -29.19 15.76
C SER A 344 -11.48 -29.03 14.91
N TYR A 345 -11.48 -28.04 14.03
CA TYR A 345 -10.32 -27.80 13.17
C TYR A 345 -9.11 -27.39 13.98
N VAL A 346 -7.95 -27.98 13.66
CA VAL A 346 -6.69 -27.56 14.25
C VAL A 346 -5.67 -27.27 13.15
N ILE A 347 -5.04 -26.09 13.24
CA ILE A 347 -4.10 -25.65 12.21
C ILE A 347 -2.67 -25.99 12.63
N PRO A 348 -2.03 -26.89 11.88
CA PRO A 348 -0.71 -27.37 12.28
C PRO A 348 0.44 -26.48 11.82
N THR A 349 1.66 -26.89 12.14
CA THR A 349 2.84 -26.06 11.89
C THR A 349 3.24 -26.04 10.42
N SER A 350 2.96 -27.14 9.71
CA SER A 350 3.36 -27.26 8.30
C SER A 350 2.54 -26.34 7.41
N HIS A 351 1.67 -25.54 8.02
CA HIS A 351 0.74 -24.71 7.25
C HIS A 351 1.12 -23.24 7.27
N ASN A 352 0.62 -22.51 6.27
CA ASN A 352 0.59 -21.06 6.32
C ASN A 352 -0.84 -20.58 6.51
N VAL A 353 -1.00 -19.43 7.17
CA VAL A 353 -2.31 -18.85 7.38
C VAL A 353 -2.48 -17.60 6.52
N LEU A 354 -3.65 -17.47 5.91
CA LEU A 354 -3.91 -16.36 4.99
C LEU A 354 -5.22 -15.66 5.37
N SER A 355 -5.13 -14.37 5.70
CA SER A 355 -6.31 -13.57 5.97
C SER A 355 -6.49 -12.51 4.88
N SER A 356 -7.70 -12.45 4.33
CA SER A 356 -8.01 -11.50 3.27
C SER A 356 -9.15 -10.58 3.71
N PRO A 357 -8.81 -9.44 4.32
CA PRO A 357 -9.84 -8.52 4.79
C PRO A 357 -10.65 -7.91 3.66
N GLY A 358 -10.17 -8.07 2.43
CA GLY A 358 -10.89 -7.58 1.26
C GLY A 358 -12.15 -8.37 0.99
N VAL A 359 -12.14 -9.64 1.39
CA VAL A 359 -13.30 -10.50 1.20
C VAL A 359 -14.48 -10.00 2.02
N THR A 360 -14.22 -9.60 3.26
CA THR A 360 -15.26 -9.06 4.13
C THR A 360 -15.64 -7.65 3.67
N ALA A 361 -14.74 -7.01 2.93
CA ALA A 361 -14.99 -5.66 2.42
C ALA A 361 -15.86 -5.69 1.16
N ARG A 362 -16.02 -6.88 0.57
CA ARG A 362 -16.92 -7.03 -0.58
C ARG A 362 -17.92 -8.15 -0.35
N SER A 363 -18.36 -8.31 0.90
CA SER A 363 -19.43 -9.23 1.24
C SER A 363 -20.75 -8.49 1.33
N GLU A 364 -21.84 -9.15 0.95
CA GLU A 364 -23.16 -8.53 0.97
C GLU A 364 -23.60 -8.17 2.38
N GLU A 365 -23.27 -9.03 3.35
CA GLU A 365 -23.70 -8.82 4.72
C GLU A 365 -23.05 -7.60 5.35
N HIS A 366 -21.86 -7.23 4.85
CA HIS A 366 -21.14 -6.09 5.40
C HIS A 366 -21.32 -4.85 4.53
N PHE A 367 -21.45 -5.05 3.23
CA PHE A 367 -21.69 -3.96 2.29
C PHE A 367 -22.71 -4.39 1.24
N PRO A 368 -23.96 -3.90 1.33
CA PRO A 368 -24.96 -4.27 0.35
C PRO A 368 -24.59 -3.83 -1.05
N ASN A 369 -24.80 -4.71 -2.03
CA ASN A 369 -24.32 -4.50 -3.39
C ASN A 369 -22.84 -4.10 -3.35
N PRO A 370 -21.96 -5.05 -3.01
CA PRO A 370 -20.58 -4.74 -2.68
C PRO A 370 -19.75 -4.30 -3.88
N LEU A 371 -20.02 -4.88 -5.05
CA LEU A 371 -19.19 -4.64 -6.23
C LEU A 371 -19.44 -3.25 -6.81
N GLU A 372 -20.53 -2.61 -6.39
CA GLU A 372 -20.85 -1.27 -6.87
C GLU A 372 -19.95 -0.24 -6.19
N TRP A 373 -19.20 0.50 -6.99
CA TRP A 373 -18.34 1.56 -6.47
C TRP A 373 -19.15 2.83 -6.24
N ASN A 374 -19.52 3.05 -4.97
CA ASN A 374 -20.33 4.22 -4.61
C ASN A 374 -19.76 4.88 -3.36
N PRO A 375 -19.18 6.09 -3.52
CA PRO A 375 -18.63 6.79 -2.37
C PRO A 375 -19.71 7.26 -1.40
N HIS A 376 -20.95 7.33 -1.88
CA HIS A 376 -22.05 7.83 -1.06
C HIS A 376 -22.56 6.78 -0.08
N ARG A 377 -22.12 5.54 -0.22
CA ARG A 377 -22.45 4.50 0.74
C ARG A 377 -21.81 4.83 2.09
N TRP A 378 -20.83 5.73 2.07
CA TRP A 378 -20.09 6.08 3.27
C TRP A 378 -20.70 7.27 4.00
N ASP A 379 -21.89 7.69 3.58
CA ASP A 379 -22.60 8.76 4.28
C ASP A 379 -23.02 8.31 5.67
N GLU A 380 -22.74 7.05 6.00
CA GLU A 380 -23.00 6.54 7.35
C GLU A 380 -21.90 7.02 8.30
N ASN A 381 -20.66 6.94 7.85
CA ASN A 381 -19.52 7.37 8.65
C ASN A 381 -18.25 7.54 7.82
N ILE A 382 -17.40 8.46 8.24
CA ILE A 382 -16.10 8.67 7.62
C ILE A 382 -15.04 8.71 8.72
N ALA A 383 -13.89 8.09 8.47
CA ALA A 383 -12.81 8.06 9.45
C ALA A 383 -11.49 7.69 8.79
N ALA A 384 -10.56 8.64 8.76
CA ALA A 384 -9.20 8.36 8.28
C ALA A 384 -8.47 7.61 9.39
N SER A 385 -8.81 7.96 10.62
CA SER A 385 -8.46 7.15 11.78
C SER A 385 -9.76 6.63 12.40
N ALA A 386 -9.87 5.32 12.59
CA ALA A 386 -11.18 4.68 12.65
C ALA A 386 -11.45 3.79 13.87
N GLU A 387 -12.53 4.12 14.57
CA GLU A 387 -13.45 3.11 15.09
C GLU A 387 -13.40 2.79 16.58
N ASP A 388 -14.01 1.66 16.92
CA ASP A 388 -14.55 1.42 18.25
C ASP A 388 -13.65 0.57 19.14
N ASP A 389 -12.98 -0.41 18.54
CA ASP A 389 -12.38 -1.50 19.30
C ASP A 389 -11.21 -1.04 20.17
N GLU A 390 -10.57 -2.02 20.81
CA GLU A 390 -9.51 -1.75 21.77
C GLU A 390 -8.22 -1.34 21.07
N LYS A 391 -7.43 -0.52 21.74
CA LYS A 391 -6.14 -0.10 21.22
C LYS A 391 -5.00 -0.70 22.06
N VAL A 392 -4.10 -1.42 21.40
CA VAL A 392 -2.99 -2.06 22.08
C VAL A 392 -1.66 -1.61 21.49
N ASP A 393 -0.71 -1.26 22.35
CA ASP A 393 0.59 -0.79 21.91
C ASP A 393 1.62 -1.92 21.93
N TYR A 394 2.29 -2.11 20.80
CA TYR A 394 3.29 -3.17 20.68
C TYR A 394 4.71 -2.61 20.74
N GLY A 395 4.82 -1.29 20.93
CA GLY A 395 6.12 -0.64 20.93
C GLY A 395 6.09 0.66 20.15
N TYR A 396 5.09 0.81 19.31
CA TYR A 396 4.91 2.03 18.53
C TYR A 396 3.50 2.57 18.65
N GLY A 397 3.39 3.79 19.15
CA GLY A 397 2.11 4.48 19.25
C GLY A 397 1.06 3.69 20.00
N LEU A 398 -0.13 3.64 19.42
CA LEU A 398 -1.25 2.87 19.92
C LEU A 398 -2.13 2.58 18.71
N VAL A 399 -2.19 1.29 18.33
CA VAL A 399 -2.85 0.91 17.09
C VAL A 399 -4.10 0.10 17.39
N SER A 400 -5.19 0.45 16.73
CA SER A 400 -6.47 -0.25 16.93
C SER A 400 -6.40 -1.64 16.31
N LYS A 401 -6.07 -2.63 17.13
CA LYS A 401 -6.01 -4.01 16.67
C LYS A 401 -7.40 -4.53 16.32
N GLY A 402 -8.40 -3.66 16.43
CA GLY A 402 -9.79 -4.08 16.30
C GLY A 402 -10.10 -4.81 15.00
N THR A 403 -10.85 -5.90 15.11
CA THR A 403 -11.21 -6.70 13.93
C THR A 403 -12.71 -6.73 13.63
N ASN A 404 -13.54 -6.38 14.62
CA ASN A 404 -14.97 -6.47 14.40
C ASN A 404 -15.35 -5.73 13.12
N SER A 405 -14.36 -5.08 12.53
CA SER A 405 -14.54 -4.31 11.30
C SER A 405 -14.23 -5.16 10.06
N PRO A 406 -15.13 -5.16 9.07
CA PRO A 406 -14.88 -5.91 7.84
C PRO A 406 -14.11 -5.08 6.81
N TYR A 407 -13.66 -3.91 7.23
CA TYR A 407 -12.94 -3.00 6.33
C TYR A 407 -11.56 -2.67 6.90
N LEU A 408 -10.58 -3.49 6.56
CA LEU A 408 -9.21 -3.30 7.03
C LEU A 408 -8.24 -3.27 5.86
N PRO A 409 -8.24 -2.17 5.08
CA PRO A 409 -7.34 -2.09 3.94
C PRO A 409 -5.87 -1.98 4.36
N PHE A 410 -5.64 -1.42 5.54
CA PHE A 410 -4.28 -1.24 6.05
C PHE A 410 -3.94 -2.31 7.08
N GLY A 411 -4.85 -3.27 7.24
CA GLY A 411 -4.62 -4.40 8.14
C GLY A 411 -4.90 -4.06 9.59
N ALA A 412 -4.43 -4.92 10.49
CA ALA A 412 -4.60 -4.72 11.92
C ALA A 412 -3.48 -5.44 12.67
N GLY A 413 -3.52 -5.37 14.00
CA GLY A 413 -2.53 -6.04 14.82
C GLY A 413 -1.19 -5.32 14.82
N ARG A 414 -0.15 -6.02 15.26
CA ARG A 414 1.18 -5.43 15.40
C ARG A 414 1.80 -5.11 14.04
N HIS A 415 1.28 -5.61 12.94
CA HIS A 415 1.92 -5.25 11.68
C HIS A 415 1.20 -4.18 10.90
N ARG A 416 0.09 -3.72 11.43
CA ARG A 416 -0.76 -2.79 10.70
C ARG A 416 0.06 -1.65 10.12
N CYS A 417 -0.44 -1.03 9.06
CA CYS A 417 0.31 -0.03 8.32
C CYS A 417 0.48 1.26 9.11
N ILE A 418 1.70 1.79 9.11
CA ILE A 418 1.99 3.06 9.76
C ILE A 418 2.02 4.22 8.77
N GLY A 419 1.77 3.91 7.50
CA GLY A 419 1.79 4.93 6.45
C GLY A 419 0.39 5.28 5.96
N GLU A 420 -0.62 4.94 6.75
CA GLU A 420 -2.01 5.20 6.37
C GLU A 420 -2.27 6.70 6.28
N GLN A 421 -1.78 7.46 7.25
CA GLN A 421 -1.98 8.91 7.26
C GLN A 421 -1.24 9.56 6.11
N PHE A 422 -0.03 9.09 5.82
CA PHE A 422 0.74 9.62 4.71
C PHE A 422 0.10 9.26 3.39
N ALA A 423 -0.49 8.06 3.32
CA ALA A 423 -1.17 7.61 2.12
C ALA A 423 -2.43 8.45 1.87
N TYR A 424 -3.23 8.63 2.91
CA TYR A 424 -4.44 9.44 2.78
C TYR A 424 -4.09 10.89 2.47
N LEU A 425 -2.95 11.36 2.97
CA LEU A 425 -2.50 12.72 2.69
C LEU A 425 -2.09 12.83 1.22
N GLN A 426 -1.33 11.86 0.73
CA GLN A 426 -0.81 11.90 -0.63
C GLN A 426 -1.92 11.67 -1.65
N LEU A 427 -2.75 10.65 -1.41
CA LEU A 427 -3.83 10.33 -2.34
C LEU A 427 -4.82 11.48 -2.45
N GLY A 428 -5.25 12.00 -1.31
CA GLY A 428 -6.22 13.09 -1.28
C GLY A 428 -5.70 14.35 -1.94
N THR A 429 -4.44 14.68 -1.66
CA THR A 429 -3.84 15.89 -2.22
C THR A 429 -3.75 15.81 -3.74
N ILE A 430 -3.24 14.69 -4.25
CA ILE A 430 -3.15 14.48 -5.68
C ILE A 430 -4.55 14.50 -6.30
N THR A 431 -5.50 13.86 -5.63
CA THR A 431 -6.86 13.79 -6.13
C THR A 431 -7.50 15.18 -6.18
N ALA A 432 -7.34 15.95 -5.11
CA ALA A 432 -7.91 17.29 -5.04
C ALA A 432 -7.32 18.18 -6.14
N VAL A 433 -6.02 18.05 -6.37
CA VAL A 433 -5.34 18.85 -7.38
C VAL A 433 -5.81 18.47 -8.78
N LEU A 434 -5.97 17.17 -9.01
CA LEU A 434 -6.43 16.70 -10.31
C LEU A 434 -7.89 17.06 -10.56
N VAL A 435 -8.67 17.08 -9.49
CA VAL A 435 -10.06 17.50 -9.58
C VAL A 435 -10.16 18.97 -9.96
N ARG A 436 -9.23 19.78 -9.46
CA ARG A 436 -9.20 21.19 -9.78
C ARG A 436 -8.88 21.43 -11.25
N LEU A 437 -8.04 20.58 -11.82
CA LEU A 437 -7.46 20.85 -13.13
C LEU A 437 -8.19 20.17 -14.28
N PHE A 438 -8.76 18.99 -14.03
CA PHE A 438 -9.25 18.15 -15.11
C PHE A 438 -10.69 17.69 -14.96
N ARG A 439 -11.27 17.27 -16.07
CA ARG A 439 -12.39 16.33 -16.07
C ARG A 439 -11.90 15.05 -16.74
N PHE A 440 -12.49 13.92 -16.38
CA PHE A 440 -12.04 12.64 -16.91
C PHE A 440 -13.20 11.86 -17.55
N ARG A 441 -12.94 11.33 -18.73
CA ARG A 441 -13.91 10.50 -19.44
C ARG A 441 -13.23 9.25 -19.99
N ASN A 442 -14.01 8.18 -20.14
CA ASN A 442 -13.53 6.99 -20.82
C ASN A 442 -13.39 7.26 -22.32
N LEU A 443 -12.57 6.46 -23.00
CA LEU A 443 -12.47 6.54 -24.45
C LEU A 443 -13.81 6.10 -25.06
N PRO A 444 -14.13 6.61 -26.25
CA PRO A 444 -15.41 6.31 -26.86
C PRO A 444 -15.66 4.81 -27.00
N GLY A 445 -16.81 4.36 -26.51
CA GLY A 445 -17.20 2.96 -26.62
C GLY A 445 -16.79 2.15 -25.40
N VAL A 446 -15.86 2.68 -24.61
CA VAL A 446 -15.37 1.97 -23.44
C VAL A 446 -16.31 2.15 -22.25
N ASP A 447 -16.75 1.05 -21.68
CA ASP A 447 -17.63 1.08 -20.52
C ASP A 447 -17.00 0.33 -19.35
N GLY A 448 -17.18 0.86 -18.15
CA GLY A 448 -16.70 0.20 -16.94
C GLY A 448 -15.22 0.45 -16.70
N ILE A 449 -14.59 -0.48 -15.98
CA ILE A 449 -13.18 -0.38 -15.63
C ILE A 449 -12.44 -1.63 -16.09
N PRO A 450 -11.12 -1.50 -16.32
CA PRO A 450 -10.33 -2.69 -16.65
C PRO A 450 -10.26 -3.64 -15.47
N ASP A 451 -9.86 -4.88 -15.75
CA ASP A 451 -9.77 -5.90 -14.71
C ASP A 451 -8.51 -5.71 -13.88
N THR A 452 -8.42 -6.44 -12.78
CA THR A 452 -7.33 -6.26 -11.83
C THR A 452 -6.25 -7.32 -12.01
N ASP A 453 -5.01 -6.88 -12.13
CA ASP A 453 -3.87 -7.79 -12.28
C ASP A 453 -3.40 -8.26 -10.91
N TYR A 454 -3.48 -9.56 -10.67
CA TYR A 454 -3.11 -10.13 -9.38
C TYR A 454 -1.82 -10.94 -9.46
N SER A 455 -1.15 -10.89 -10.62
CA SER A 455 0.03 -11.72 -10.84
C SER A 455 1.24 -11.22 -10.06
N SER A 456 1.33 -9.92 -9.87
CA SER A 456 2.44 -9.35 -9.10
C SER A 456 2.10 -9.31 -7.62
N LEU A 457 3.05 -8.95 -6.79
CA LEU A 457 2.74 -8.93 -5.38
C LEU A 457 1.64 -7.96 -5.17
N PHE A 458 1.77 -6.81 -5.79
CA PHE A 458 0.76 -5.81 -5.63
C PHE A 458 -0.17 -5.92 -6.77
N SER A 459 -1.42 -5.65 -6.49
CA SER A 459 -2.42 -5.66 -7.54
C SER A 459 -2.55 -4.28 -8.17
N LYS A 460 -2.90 -4.26 -9.44
CA LYS A 460 -3.02 -3.03 -10.22
C LYS A 460 -3.98 -3.29 -11.36
N PRO A 461 -4.36 -2.22 -12.09
CA PRO A 461 -5.17 -2.41 -13.28
C PRO A 461 -4.44 -3.29 -14.30
N LEU A 462 -5.18 -4.13 -15.02
CA LEU A 462 -4.57 -5.13 -15.90
C LEU A 462 -3.72 -4.80 -17.12
N GLY A 463 -4.20 -3.95 -18.00
CA GLY A 463 -3.43 -3.55 -19.17
C GLY A 463 -3.09 -2.07 -19.19
N ARG A 464 -2.77 -1.56 -20.38
CA ARG A 464 -2.45 -0.16 -20.56
C ARG A 464 -3.73 0.64 -20.78
N SER A 465 -4.17 1.33 -19.74
CA SER A 465 -5.47 1.98 -19.73
C SER A 465 -5.35 3.48 -19.98
N PHE A 466 -6.06 3.97 -21.00
CA PHE A 466 -6.10 5.40 -21.29
C PHE A 466 -7.50 5.95 -21.01
N VAL A 467 -7.55 7.20 -20.53
CA VAL A 467 -8.80 7.91 -20.36
C VAL A 467 -8.66 9.34 -20.89
N GLU A 468 -9.79 9.95 -21.22
CA GLU A 468 -9.80 11.32 -21.71
C GLU A 468 -9.61 12.31 -20.57
N PHE A 469 -8.81 13.34 -20.82
CA PHE A 469 -8.71 14.47 -19.90
C PHE A 469 -9.13 15.76 -20.63
N GLU A 470 -9.80 16.64 -19.89
CA GLU A 470 -10.20 17.93 -20.44
C GLU A 470 -10.00 19.01 -19.38
N LYS A 471 -9.10 19.95 -19.67
CA LYS A 471 -8.83 21.04 -18.75
C LYS A 471 -10.06 21.94 -18.62
N ARG A 472 -10.07 22.74 -17.55
CA ARG A 472 -11.28 23.48 -17.18
C ARG A 472 -11.25 24.93 -17.66
N HIS A 473 -10.08 25.56 -17.62
CA HIS A 473 -9.96 26.96 -18.01
C HIS A 473 -9.22 27.11 -19.33
CHA HEM B . 1.84 -2.78 6.76
CHB HEM B . -1.31 -1.90 3.17
CHC HEM B . 0.85 2.42 2.46
CHD HEM B . 4.55 0.96 5.24
C1A HEM B . 0.77 -2.86 5.90
C2A HEM B . -0.19 -3.89 5.91
C3A HEM B . -1.06 -3.65 4.90
C4A HEM B . -0.63 -2.48 4.23
CMA HEM B . -2.26 -4.49 4.53
CAA HEM B . -0.22 -5.05 6.87
CBA HEM B . 0.37 -6.26 6.17
CGA HEM B . 0.64 -7.35 7.17
O1A HEM B . 1.45 -8.25 6.91
O2A HEM B . 0.04 -7.34 8.27
C1B HEM B . -0.99 -0.62 2.70
C2B HEM B . -1.81 0.08 1.78
C3B HEM B . -1.22 1.29 1.57
C4B HEM B . -0.02 1.34 2.42
CMB HEM B . -3.08 -0.43 1.15
CAB HEM B . -1.71 2.38 0.71
CBB HEM B . -3.02 2.49 0.48
C1C HEM B . 2.07 2.41 3.15
C2C HEM B . 3.01 3.44 3.16
C3C HEM B . 4.08 3.02 3.93
C4C HEM B . 3.77 1.72 4.40
CMC HEM B . 2.85 4.75 2.43
CAC HEM B . 5.29 3.80 4.28
CBC HEM B . 5.34 5.09 3.99
C1D HEM B . 4.02 -0.17 5.86
C2D HEM B . 4.77 -0.78 6.97
C3D HEM B . 4.03 -1.82 7.39
C4D HEM B . 2.81 -1.79 6.57
CMD HEM B . 6.11 -0.33 7.50
CAD HEM B . 4.37 -2.74 8.53
CBD HEM B . 4.39 -4.21 8.06
CGD HEM B . 4.54 -5.09 9.26
O1D HEM B . 4.68 -4.60 10.41
O2D HEM B . 4.54 -6.34 9.12
NA HEM B . 0.52 -2.04 4.83
NB HEM B . 0.05 0.14 3.03
NC HEM B . 2.55 1.37 3.91
ND HEM B . 2.87 -0.83 5.65
FE HEM B . 1.53 -0.39 4.42
NAA VT2 C . 0.22 -17.07 -11.14
OAB VT2 C . 3.74 -4.65 3.64
FAC VT2 C . 8.61 -1.21 5.05
FAD VT2 C . 6.36 -2.74 1.15
FAE VT2 C . 5.78 -6.39 3.68
FAF VT2 C . 6.62 -5.67 1.82
CAG VT2 C . 0.22 -16.57 -10.10
CAH VT2 C . 1.85 -9.73 -1.22
CAI VT2 C . 2.33 -9.15 -0.51
CAJ VT2 C . 6.92 -2.88 5.24
CAK VT2 C . 0.64 -16.68 -7.70
CAL VT2 C . -0.18 -14.63 -8.66
CAM VT2 C . 0.47 -9.96 -3.16
CAN VT2 C . 1.49 -11.90 -2.13
CAO VT2 C . 4.17 -7.81 -0.24
CAP VT2 C . 0.64 -16.09 -6.45
CAQ VT2 C . -0.17 -14.04 -7.41
CAR VT2 C . -0.13 -10.78 -4.10
CAS VT2 C . 0.88 -12.72 -3.07
CAT VT2 C . 4.99 -6.98 0.50
CAU VT2 C . 5.97 -3.69 4.65
CAV VT2 C . 2.68 -8.04 1.67
CAW VT2 C . 2.57 -2.45 2.51
CAX VT2 C . 7.49 -1.97 3.09
CAY VT2 C . 0.25 -14.19 -5.03
CAZ VT2 C . 4.28 -3.92 1.42
NBA VT2 C . 2.51 -1.14 2.68
NBB VT2 C . 3.54 -7.19 2.38
NBC VT2 C . 3.45 -0.71 2.17
NBD VT2 C . 4.15 -1.58 1.69
OBE VT2 C . -0.49 -12.97 -4.99
CBF VT2 C . 7.68 -2.01 4.47
CBG VT2 C . 0.22 -15.96 -8.82
CBH VT2 C . 1.24 -10.53 -2.16
CBI VT2 C . 3.02 -8.33 0.35
CBJ VT2 C . 6.55 -2.79 2.49
CBK VT2 C . 0.23 -14.77 -6.30
CBL VT2 C . 0.08 -12.16 -4.05
CBM VT2 C . 4.65 -6.68 1.80
CBN VT2 C . 5.77 -3.63 3.27
NBO VT2 C . 3.68 -2.62 1.80
CBP VT2 C . 5.50 -5.85 2.51
CBQ VT2 C . 4.83 -4.49 2.72
#